data_1QFZ
#
_entry.id   1QFZ
#
_cell.length_a   50.360
_cell.length_b   110.090
_cell.length_c   80.920
_cell.angle_alpha   90.00
_cell.angle_beta   93.92
_cell.angle_gamma   90.00
#
_symmetry.space_group_name_H-M   'P 1 21 1'
#
loop_
_entity.id
_entity.type
_entity.pdbx_description
1 polymer 'PROTEIN (FERREDOXIN:NADP+ REDUCTASE)'
2 non-polymer 'SULFATE ION'
3 non-polymer 'FLAVIN-ADENINE DINUCLEOTIDE'
4 non-polymer 'NADPH DIHYDRO-NICOTINAMIDE-ADENINE-DINUCLEOTIDE PHOSPHATE'
5 water water
#
_entity_poly.entity_id   1
_entity_poly.type   'polypeptide(L)'
_entity_poly.pdbx_seq_one_letter_code
;QVTTEAPAKVVKHSKKQDENIVVNKFKPKEPYVGRCLLNTKITGDDAPGETWHMVFSTEGEVPYREGQSIGIVPDGIDKN
GKPHKLRLYSIASSAIGDFGDSKTVSLCVKRLVYTNDAGEVVKGVCSNFLCDLKPGSEVKITGPVGKEMLMPKDPNATVI
MLGTGTGIAPFRSFLWKMFFEKHEDYQFNGLAWLFLGVPTSSSLLYKEEFEKMKEKAPENFRLDFAVSREQVNDKGEKMY
IQTRMAQYAEELWELLKKDNTFVYMCGLKGMEKGIDDIMVSLAAKDGIDWIEYKRTLKKAEQWNVEVS
;
_entity_poly.pdbx_strand_id   A,B
#
# COMPACT_ATOMS: atom_id res chain seq x y z
N GLN A 1 -42.86 -2.52 37.16
CA GLN A 1 -42.01 -3.69 36.80
C GLN A 1 -42.07 -3.95 35.28
N VAL A 2 -41.09 -3.40 34.58
CA VAL A 2 -41.01 -3.47 33.12
C VAL A 2 -39.87 -4.33 32.56
N THR A 3 -39.03 -4.85 33.45
CA THR A 3 -37.86 -5.62 33.06
C THR A 3 -37.76 -7.02 33.65
N THR A 4 -36.98 -7.87 33.00
CA THR A 4 -36.71 -9.22 33.48
C THR A 4 -35.39 -9.70 32.87
N GLU A 5 -34.68 -10.62 33.55
CA GLU A 5 -33.44 -11.15 33.00
C GLU A 5 -33.73 -12.56 32.50
N ALA A 6 -34.09 -12.63 31.22
CA ALA A 6 -34.40 -13.90 30.54
C ALA A 6 -33.24 -14.88 30.79
N PRO A 7 -33.55 -16.12 31.24
CA PRO A 7 -32.50 -17.11 31.50
C PRO A 7 -31.58 -17.30 30.31
N ALA A 8 -30.28 -17.28 30.61
CA ALA A 8 -29.24 -17.42 29.61
C ALA A 8 -29.11 -18.81 28.97
N LYS A 9 -28.90 -18.85 27.66
CA LYS A 9 -28.68 -20.10 26.97
C LYS A 9 -27.33 -20.59 27.49
N VAL A 10 -27.19 -21.89 27.67
CA VAL A 10 -25.94 -22.47 28.14
C VAL A 10 -24.95 -22.36 26.96
N VAL A 11 -23.72 -21.91 27.22
CA VAL A 11 -22.76 -21.69 26.13
C VAL A 11 -21.34 -22.00 26.53
N LYS A 12 -20.65 -22.61 25.58
CA LYS A 12 -19.26 -22.98 25.72
C LYS A 12 -18.37 -21.75 25.71
N HIS A 13 -17.39 -21.82 26.61
CA HIS A 13 -16.36 -20.82 26.85
C HIS A 13 -15.28 -20.82 25.72
N SER A 14 -14.94 -19.64 25.19
CA SER A 14 -13.96 -19.62 24.12
C SER A 14 -12.76 -18.74 24.41
N LYS A 15 -11.55 -19.24 24.10
CA LYS A 15 -10.30 -18.51 24.31
C LYS A 15 -9.90 -17.71 23.07
N LYS A 16 -10.66 -17.86 21.98
CA LYS A 16 -10.38 -17.17 20.72
C LYS A 16 -11.16 -15.87 20.54
N GLN A 17 -10.59 -14.94 19.79
CA GLN A 17 -11.20 -13.63 19.55
C GLN A 17 -12.46 -13.70 18.70
N ASP A 18 -13.57 -14.10 19.33
CA ASP A 18 -14.87 -14.26 18.67
C ASP A 18 -15.95 -13.24 19.03
N GLU A 19 -15.59 -12.22 19.80
CA GLU A 19 -16.58 -11.24 20.21
C GLU A 19 -17.04 -10.41 19.01
N ASN A 20 -18.35 -10.50 18.74
CA ASN A 20 -19.01 -9.80 17.64
C ASN A 20 -18.55 -10.27 16.27
N ILE A 21 -18.23 -11.57 16.18
CA ILE A 21 -17.77 -12.13 14.93
C ILE A 21 -18.92 -12.20 13.92
N VAL A 22 -18.57 -12.13 12.64
CA VAL A 22 -19.55 -12.15 11.54
C VAL A 22 -19.24 -13.16 10.43
N VAL A 23 -20.18 -14.07 10.19
CA VAL A 23 -20.05 -15.04 9.11
C VAL A 23 -21.30 -14.98 8.24
N ASN A 24 -21.11 -15.24 6.94
CA ASN A 24 -22.17 -15.30 5.96
C ASN A 24 -23.08 -14.09 5.80
N LYS A 25 -22.48 -12.90 5.76
CA LYS A 25 -23.22 -11.67 5.56
C LYS A 25 -23.68 -11.62 4.10
N PHE A 26 -22.79 -11.98 3.19
CA PHE A 26 -23.10 -12.01 1.77
C PHE A 26 -23.19 -13.45 1.27
N LYS A 27 -24.28 -13.76 0.55
CA LYS A 27 -24.52 -15.10 0.00
C LYS A 27 -24.20 -15.09 -1.48
N PRO A 28 -23.94 -16.25 -2.10
CA PRO A 28 -23.64 -16.24 -3.53
C PRO A 28 -24.79 -15.75 -4.41
N LYS A 29 -25.96 -15.68 -3.80
CA LYS A 29 -27.20 -15.25 -4.45
C LYS A 29 -27.09 -13.78 -4.84
N GLU A 30 -26.57 -13.01 -3.89
CA GLU A 30 -26.36 -11.58 -4.06
C GLU A 30 -25.05 -11.23 -3.36
N PRO A 31 -23.92 -11.57 -4.01
CA PRO A 31 -22.61 -11.29 -3.44
C PRO A 31 -22.28 -9.79 -3.43
N TYR A 32 -21.36 -9.38 -2.55
CA TYR A 32 -20.90 -8.00 -2.49
C TYR A 32 -19.98 -7.83 -3.71
N VAL A 33 -20.13 -6.72 -4.42
CA VAL A 33 -19.30 -6.51 -5.59
C VAL A 33 -18.20 -5.52 -5.28
N GLY A 34 -16.97 -6.01 -5.24
CA GLY A 34 -15.83 -5.15 -4.97
C GLY A 34 -15.04 -4.95 -6.25
N ARG A 35 -13.92 -4.26 -6.15
CA ARG A 35 -13.03 -4.01 -7.29
C ARG A 35 -11.58 -4.30 -6.97
N CYS A 36 -10.83 -4.66 -8.00
CA CYS A 36 -9.41 -4.96 -7.87
C CYS A 36 -8.58 -3.69 -7.89
N LEU A 37 -7.79 -3.50 -6.83
CA LEU A 37 -6.91 -2.34 -6.68
C LEU A 37 -5.51 -2.68 -7.22
N LEU A 38 -5.06 -3.90 -6.93
CA LEU A 38 -3.76 -4.39 -7.40
C LEU A 38 -3.79 -5.92 -7.42
N ASN A 39 -2.90 -6.48 -8.23
CA ASN A 39 -2.77 -7.93 -8.38
C ASN A 39 -1.35 -8.21 -8.85
N THR A 40 -0.48 -8.68 -7.96
CA THR A 40 0.93 -8.93 -8.29
C THR A 40 1.39 -10.37 -8.11
N LYS A 41 2.25 -10.84 -8.99
CA LYS A 41 2.79 -12.17 -8.82
C LYS A 41 3.93 -12.05 -7.77
N ILE A 42 3.84 -12.83 -6.70
CA ILE A 42 4.84 -12.77 -5.64
C ILE A 42 5.93 -13.88 -5.68
N THR A 43 5.79 -14.81 -6.63
CA THR A 43 6.76 -15.86 -6.81
C THR A 43 7.65 -15.57 -8.05
N GLY A 44 8.89 -16.07 -8.02
CA GLY A 44 9.80 -15.88 -9.12
C GLY A 44 9.34 -16.55 -10.41
N ASP A 45 9.71 -15.96 -11.55
CA ASP A 45 9.35 -16.50 -12.89
C ASP A 45 9.78 -17.96 -13.03
N ASP A 46 10.74 -18.33 -12.20
CA ASP A 46 11.35 -19.65 -12.15
C ASP A 46 10.63 -20.69 -11.30
N ALA A 47 9.78 -20.26 -10.37
CA ALA A 47 9.05 -21.19 -9.49
C ALA A 47 8.18 -22.22 -10.26
N PRO A 48 7.91 -23.38 -9.65
CA PRO A 48 7.09 -24.39 -10.32
C PRO A 48 5.66 -23.91 -10.71
N GLY A 49 5.10 -23.01 -9.92
CA GLY A 49 3.77 -22.48 -10.20
C GLY A 49 3.73 -21.00 -9.83
N GLU A 50 2.63 -20.33 -10.12
CA GLU A 50 2.53 -18.91 -9.80
C GLU A 50 1.59 -18.66 -8.65
N THR A 51 2.02 -17.77 -7.74
CA THR A 51 1.16 -17.38 -6.59
C THR A 51 1.03 -15.87 -6.68
N TRP A 52 -0.20 -15.38 -6.61
CA TRP A 52 -0.51 -13.95 -6.73
C TRP A 52 -1.16 -13.34 -5.49
N HIS A 53 -0.75 -12.13 -5.15
CA HIS A 53 -1.33 -11.38 -4.03
C HIS A 53 -2.26 -10.32 -4.66
N MET A 54 -3.50 -10.27 -4.21
CA MET A 54 -4.42 -9.29 -4.78
C MET A 54 -5.21 -8.62 -3.68
N VAL A 55 -5.56 -7.35 -3.92
CA VAL A 55 -6.32 -6.54 -2.96
C VAL A 55 -7.60 -6.01 -3.62
N PHE A 56 -8.72 -6.15 -2.93
CA PHE A 56 -10.01 -5.67 -3.44
C PHE A 56 -10.61 -4.63 -2.49
N SER A 57 -11.30 -3.64 -3.05
CA SER A 57 -11.97 -2.62 -2.24
C SER A 57 -13.26 -3.23 -1.71
N THR A 58 -13.60 -2.95 -0.45
CA THR A 58 -14.84 -3.45 0.16
C THR A 58 -15.68 -2.32 0.72
N GLU A 59 -15.13 -1.12 0.69
CA GLU A 59 -15.75 0.08 1.25
C GLU A 59 -16.25 -0.21 2.67
N GLY A 60 -15.56 -1.12 3.36
CA GLY A 60 -15.89 -1.50 4.72
C GLY A 60 -17.12 -2.37 4.91
N GLU A 61 -17.69 -2.85 3.81
CA GLU A 61 -18.89 -3.68 3.84
C GLU A 61 -18.73 -5.13 4.29
N VAL A 62 -17.50 -5.65 4.25
CA VAL A 62 -17.25 -7.03 4.65
C VAL A 62 -16.47 -6.98 5.98
N PRO A 63 -17.19 -7.23 7.11
CA PRO A 63 -16.67 -7.23 8.49
C PRO A 63 -15.88 -8.47 8.89
N TYR A 64 -14.77 -8.71 8.21
CA TYR A 64 -13.96 -9.88 8.51
C TYR A 64 -12.90 -9.61 9.57
N ARG A 65 -12.41 -10.68 10.16
CA ARG A 65 -11.34 -10.58 11.13
C ARG A 65 -10.30 -11.67 10.76
N GLU A 66 -9.13 -11.57 11.34
CA GLU A 66 -8.03 -12.51 11.12
C GLU A 66 -8.44 -13.97 11.25
N GLY A 67 -8.09 -14.77 10.25
CA GLY A 67 -8.42 -16.19 10.29
C GLY A 67 -9.63 -16.64 9.48
N GLN A 68 -10.44 -15.69 9.02
CA GLN A 68 -11.64 -16.02 8.25
C GLN A 68 -11.30 -16.10 6.76
N SER A 69 -12.27 -16.55 5.95
CA SER A 69 -12.13 -16.66 4.50
C SER A 69 -13.29 -15.90 3.87
N ILE A 70 -13.22 -15.76 2.56
CA ILE A 70 -14.29 -15.18 1.78
C ILE A 70 -14.44 -16.09 0.56
N GLY A 71 -15.65 -16.14 0.03
CA GLY A 71 -15.87 -16.92 -1.17
C GLY A 71 -15.79 -15.97 -2.36
N ILE A 72 -15.48 -16.52 -3.51
CA ILE A 72 -15.41 -15.74 -4.74
C ILE A 72 -16.22 -16.49 -5.81
N VAL A 73 -17.13 -15.77 -6.46
CA VAL A 73 -17.90 -16.35 -7.56
C VAL A 73 -17.20 -15.81 -8.81
N PRO A 74 -16.41 -16.68 -9.48
CA PRO A 74 -15.69 -16.26 -10.68
C PRO A 74 -16.62 -15.98 -11.85
N ASP A 75 -16.29 -14.96 -12.66
CA ASP A 75 -17.12 -14.61 -13.82
C ASP A 75 -17.18 -15.75 -14.83
N GLY A 76 -18.22 -15.75 -15.65
CA GLY A 76 -18.37 -16.79 -16.66
C GLY A 76 -19.45 -17.83 -16.39
N ILE A 77 -19.42 -18.89 -17.19
CA ILE A 77 -20.40 -19.98 -17.09
C ILE A 77 -19.68 -21.30 -17.27
N ASP A 78 -20.23 -22.36 -16.70
CA ASP A 78 -19.64 -23.67 -16.87
C ASP A 78 -20.08 -24.29 -18.21
N LYS A 79 -19.71 -25.56 -18.40
CA LYS A 79 -20.03 -26.30 -19.61
C LYS A 79 -21.55 -26.38 -19.88
N ASN A 80 -22.35 -26.24 -18.83
CA ASN A 80 -23.81 -26.30 -18.94
C ASN A 80 -24.55 -24.95 -18.95
N GLY A 81 -23.80 -23.88 -19.27
CA GLY A 81 -24.34 -22.53 -19.32
C GLY A 81 -24.75 -21.96 -17.98
N LYS A 82 -24.24 -22.57 -16.91
CA LYS A 82 -24.54 -22.14 -15.55
C LYS A 82 -23.42 -21.35 -14.89
N PRO A 83 -23.77 -20.37 -14.03
CA PRO A 83 -22.79 -19.54 -13.30
C PRO A 83 -21.98 -20.48 -12.42
N HIS A 84 -20.73 -20.08 -12.15
CA HIS A 84 -19.84 -20.88 -11.32
C HIS A 84 -20.17 -20.83 -9.84
N LYS A 85 -19.93 -21.92 -9.14
CA LYS A 85 -20.12 -21.97 -7.70
C LYS A 85 -18.91 -21.25 -7.07
N LEU A 86 -19.10 -20.68 -5.89
CA LEU A 86 -18.03 -19.98 -5.20
C LEU A 86 -16.90 -20.91 -4.81
N ARG A 87 -15.71 -20.32 -4.66
CA ARG A 87 -14.53 -21.06 -4.18
C ARG A 87 -14.11 -20.20 -2.99
N LEU A 88 -13.67 -20.85 -1.92
CA LEU A 88 -13.23 -20.12 -0.73
C LEU A 88 -11.74 -19.79 -0.77
N TYR A 89 -11.39 -18.63 -0.21
CA TYR A 89 -9.99 -18.19 -0.13
C TYR A 89 -9.74 -17.58 1.24
N SER A 90 -8.66 -18.01 1.89
CA SER A 90 -8.28 -17.48 3.20
C SER A 90 -7.79 -16.05 3.06
N ILE A 91 -8.31 -15.18 3.93
CA ILE A 91 -7.94 -13.79 3.91
C ILE A 91 -6.47 -13.62 4.35
N ALA A 92 -5.68 -13.01 3.47
CA ALA A 92 -4.26 -12.79 3.71
C ALA A 92 -3.94 -11.44 4.34
N SER A 93 -4.93 -10.58 4.51
CA SER A 93 -4.77 -9.28 5.13
C SER A 93 -5.34 -9.28 6.55
N SER A 94 -4.84 -8.38 7.40
CA SER A 94 -5.37 -8.25 8.76
C SER A 94 -6.74 -7.55 8.62
N ALA A 95 -7.50 -7.51 9.71
CA ALA A 95 -8.82 -6.84 9.70
C ALA A 95 -8.77 -5.41 9.17
N ILE A 96 -7.78 -4.62 9.59
CA ILE A 96 -7.70 -3.25 9.09
C ILE A 96 -7.17 -3.23 7.64
N GLY A 97 -6.57 -4.35 7.21
CA GLY A 97 -6.10 -4.48 5.84
C GLY A 97 -4.83 -3.78 5.39
N ASP A 98 -4.42 -4.08 4.15
CA ASP A 98 -3.22 -3.53 3.53
C ASP A 98 -3.15 -2.00 3.36
N PHE A 99 -4.29 -1.32 3.45
CA PHE A 99 -4.33 0.13 3.34
C PHE A 99 -4.54 0.79 4.72
N GLY A 100 -4.74 -0.05 5.74
CA GLY A 100 -4.94 0.40 7.10
C GLY A 100 -6.24 1.12 7.40
N ASP A 101 -7.18 1.07 6.47
CA ASP A 101 -8.46 1.76 6.63
C ASP A 101 -9.68 0.91 6.88
N SER A 102 -9.51 -0.41 6.97
CA SER A 102 -10.62 -1.35 7.19
C SER A 102 -11.62 -1.39 6.02
N LYS A 103 -11.17 -1.01 4.83
CA LYS A 103 -12.01 -1.00 3.63
C LYS A 103 -11.51 -1.82 2.43
N THR A 104 -10.60 -2.77 2.69
CA THR A 104 -10.07 -3.65 1.63
C THR A 104 -9.88 -5.06 2.16
N VAL A 105 -9.63 -6.00 1.25
CA VAL A 105 -9.40 -7.39 1.61
C VAL A 105 -8.40 -7.95 0.61
N SER A 106 -7.48 -8.77 1.11
CA SER A 106 -6.42 -9.37 0.29
C SER A 106 -6.44 -10.89 0.26
N LEU A 107 -6.06 -11.46 -0.88
CA LEU A 107 -6.00 -12.91 -1.06
C LEU A 107 -4.62 -13.32 -1.60
N CYS A 108 -4.24 -14.55 -1.27
CA CYS A 108 -2.98 -15.15 -1.71
C CYS A 108 -3.46 -16.36 -2.51
N VAL A 109 -3.35 -16.26 -3.83
CA VAL A 109 -3.89 -17.29 -4.74
C VAL A 109 -2.91 -18.05 -5.64
N LYS A 110 -2.94 -19.37 -5.55
CA LYS A 110 -2.10 -20.22 -6.40
C LYS A 110 -2.85 -20.44 -7.72
N ARG A 111 -2.25 -20.13 -8.86
CA ARG A 111 -2.90 -20.39 -10.15
C ARG A 111 -2.82 -21.93 -10.42
N LEU A 112 -3.99 -22.58 -10.39
CA LEU A 112 -4.04 -24.03 -10.60
C LEU A 112 -3.98 -24.40 -12.09
N VAL A 113 -2.92 -25.11 -12.47
CA VAL A 113 -2.72 -25.57 -13.85
C VAL A 113 -2.22 -27.01 -13.75
N TYR A 114 -2.85 -27.90 -14.48
CA TYR A 114 -2.47 -29.30 -14.48
C TYR A 114 -2.93 -29.92 -15.80
N THR A 115 -2.62 -31.20 -16.00
CA THR A 115 -3.06 -31.90 -17.20
C THR A 115 -3.77 -33.19 -16.80
N ASN A 116 -4.95 -33.40 -17.38
CA ASN A 116 -5.76 -34.58 -17.09
C ASN A 116 -5.18 -35.83 -17.72
N ASP A 117 -5.86 -36.94 -17.51
CA ASP A 117 -5.43 -38.23 -18.04
C ASP A 117 -5.34 -38.21 -19.57
N ALA A 118 -6.31 -37.55 -20.20
CA ALA A 118 -6.35 -37.42 -21.64
C ALA A 118 -5.15 -36.63 -22.17
N GLY A 119 -4.30 -36.17 -21.23
CA GLY A 119 -3.10 -35.42 -21.58
C GLY A 119 -3.34 -33.95 -21.83
N GLU A 120 -4.55 -33.48 -21.55
CA GLU A 120 -4.93 -32.08 -21.77
C GLU A 120 -4.55 -31.17 -20.60
N VAL A 121 -4.09 -29.96 -20.93
CA VAL A 121 -3.75 -28.97 -19.93
C VAL A 121 -5.04 -28.32 -19.45
N VAL A 122 -5.27 -28.40 -18.16
CA VAL A 122 -6.46 -27.85 -17.54
C VAL A 122 -6.14 -26.69 -16.60
N LYS A 123 -6.97 -25.66 -16.66
CA LYS A 123 -6.80 -24.48 -15.82
C LYS A 123 -7.93 -24.40 -14.81
N GLY A 124 -7.59 -24.31 -13.53
CA GLY A 124 -8.60 -24.19 -12.50
C GLY A 124 -9.42 -22.92 -12.80
N VAL A 125 -10.74 -23.01 -12.72
CA VAL A 125 -11.60 -21.88 -13.04
C VAL A 125 -11.42 -20.62 -12.20
N CYS A 126 -11.68 -20.72 -10.90
CA CYS A 126 -11.59 -19.54 -10.04
C CYS A 126 -10.17 -18.97 -9.86
N SER A 127 -9.18 -19.86 -9.71
CA SER A 127 -7.80 -19.42 -9.52
C SER A 127 -7.25 -18.69 -10.76
N ASN A 128 -7.61 -19.15 -11.95
CA ASN A 128 -7.16 -18.46 -13.15
C ASN A 128 -7.94 -17.16 -13.37
N PHE A 129 -9.22 -17.13 -13.01
CA PHE A 129 -10.00 -15.90 -13.12
C PHE A 129 -9.36 -14.83 -12.17
N LEU A 130 -9.03 -15.26 -10.95
CA LEU A 130 -8.43 -14.35 -9.96
C LEU A 130 -7.02 -13.86 -10.33
N CYS A 131 -6.14 -14.76 -10.75
CA CYS A 131 -4.79 -14.37 -11.13
C CYS A 131 -4.75 -13.53 -12.39
N ASP A 132 -5.83 -13.59 -13.19
CA ASP A 132 -5.91 -12.80 -14.42
C ASP A 132 -6.65 -11.49 -14.20
N LEU A 133 -7.24 -11.31 -13.02
CA LEU A 133 -8.00 -10.09 -12.68
C LEU A 133 -7.16 -8.80 -12.85
N LYS A 134 -7.67 -7.85 -13.60
CA LYS A 134 -6.96 -6.60 -13.79
C LYS A 134 -7.50 -5.52 -12.87
N PRO A 135 -6.60 -4.64 -12.38
CA PRO A 135 -7.01 -3.53 -11.49
C PRO A 135 -8.14 -2.71 -12.18
N GLY A 136 -9.21 -2.46 -11.43
CA GLY A 136 -10.33 -1.75 -12.00
C GLY A 136 -11.56 -2.64 -12.25
N SER A 137 -11.33 -3.95 -12.40
CA SER A 137 -12.41 -4.91 -12.64
C SER A 137 -13.13 -5.33 -11.36
N GLU A 138 -14.41 -5.65 -11.50
CA GLU A 138 -15.22 -6.10 -10.37
C GLU A 138 -14.97 -7.57 -10.04
N VAL A 139 -15.26 -7.94 -8.80
CA VAL A 139 -15.12 -9.32 -8.32
C VAL A 139 -16.28 -9.53 -7.32
N LYS A 140 -16.95 -10.68 -7.41
CA LYS A 140 -18.08 -11.01 -6.53
C LYS A 140 -17.59 -11.74 -5.29
N ILE A 141 -17.84 -11.12 -4.15
CA ILE A 141 -17.40 -11.62 -2.86
C ILE A 141 -18.53 -12.09 -1.91
N THR A 142 -18.34 -13.25 -1.28
CA THR A 142 -19.32 -13.79 -0.32
C THR A 142 -18.66 -14.00 1.05
N GLY A 143 -19.47 -14.17 2.09
CA GLY A 143 -18.95 -14.37 3.43
C GLY A 143 -19.15 -13.16 4.35
N PRO A 144 -18.26 -12.95 5.35
CA PRO A 144 -17.08 -13.76 5.69
C PRO A 144 -17.47 -15.16 6.14
N VAL A 145 -16.49 -16.05 6.25
CA VAL A 145 -16.76 -17.41 6.67
C VAL A 145 -15.64 -17.93 7.58
N GLY A 146 -16.02 -18.77 8.55
CA GLY A 146 -15.04 -19.35 9.44
C GLY A 146 -14.88 -18.77 10.81
N LYS A 147 -14.61 -19.67 11.76
CA LYS A 147 -14.37 -19.33 13.15
C LYS A 147 -13.24 -20.21 13.73
N GLU A 148 -12.88 -21.29 13.03
CA GLU A 148 -11.81 -22.20 13.48
C GLU A 148 -10.40 -21.57 13.62
N MET A 149 -10.06 -20.67 12.71
CA MET A 149 -8.75 -20.06 12.73
C MET A 149 -8.72 -18.65 13.31
N LEU A 150 -9.65 -18.37 14.23
CA LEU A 150 -9.68 -17.07 14.89
C LEU A 150 -8.52 -17.03 15.88
N MET A 151 -7.91 -15.85 16.06
CA MET A 151 -6.77 -15.67 16.95
C MET A 151 -7.09 -15.80 18.43
N PRO A 152 -6.12 -16.23 19.24
CA PRO A 152 -6.47 -16.32 20.66
C PRO A 152 -6.54 -14.91 21.28
N LYS A 153 -7.46 -14.75 22.24
CA LYS A 153 -7.66 -13.47 22.93
C LYS A 153 -6.39 -13.04 23.71
N ASP A 154 -5.72 -14.00 24.33
CA ASP A 154 -4.51 -13.77 25.13
C ASP A 154 -3.39 -13.12 24.33
N PRO A 155 -3.05 -11.85 24.65
CA PRO A 155 -1.97 -11.17 23.93
C PRO A 155 -0.53 -11.64 24.29
N ASN A 156 -0.42 -12.55 25.26
CA ASN A 156 0.87 -13.07 25.67
C ASN A 156 1.00 -14.57 25.40
N ALA A 157 0.05 -15.11 24.63
CA ALA A 157 0.06 -16.52 24.30
C ALA A 157 1.14 -16.84 23.25
N THR A 158 1.53 -18.10 23.20
CA THR A 158 2.49 -18.56 22.21
C THR A 158 1.60 -19.05 21.08
N VAL A 159 1.84 -18.54 19.88
CA VAL A 159 1.05 -18.91 18.68
C VAL A 159 1.99 -19.57 17.68
N ILE A 160 1.85 -20.88 17.55
CA ILE A 160 2.65 -21.69 16.61
C ILE A 160 1.82 -21.86 15.33
N MET A 161 2.38 -21.36 14.23
CA MET A 161 1.72 -21.37 12.93
C MET A 161 2.43 -22.29 11.95
N LEU A 162 1.69 -23.29 11.48
CA LEU A 162 2.21 -24.30 10.58
C LEU A 162 1.49 -24.21 9.24
N GLY A 163 2.19 -23.82 8.19
CA GLY A 163 1.53 -23.69 6.91
C GLY A 163 2.30 -24.20 5.72
N THR A 164 1.55 -24.63 4.72
CA THR A 164 2.12 -25.10 3.46
C THR A 164 1.54 -24.30 2.30
N GLY A 165 2.42 -23.80 1.43
CA GLY A 165 1.99 -23.03 0.26
C GLY A 165 1.13 -21.83 0.62
N THR A 166 0.01 -21.67 -0.08
CA THR A 166 -0.93 -20.57 0.14
C THR A 166 -1.64 -20.66 1.49
N GLY A 167 -1.38 -21.76 2.21
CA GLY A 167 -1.91 -21.92 3.56
C GLY A 167 -1.27 -20.87 4.48
N ILE A 168 -0.28 -20.14 3.96
CA ILE A 168 0.38 -19.05 4.70
C ILE A 168 -0.59 -17.88 4.90
N ALA A 169 -1.59 -17.77 4.03
CA ALA A 169 -2.56 -16.66 4.03
C ALA A 169 -3.10 -16.16 5.40
N PRO A 170 -3.75 -17.02 6.21
CA PRO A 170 -4.25 -16.54 7.51
C PRO A 170 -3.13 -16.13 8.47
N PHE A 171 -1.94 -16.69 8.27
CA PHE A 171 -0.81 -16.35 9.14
C PHE A 171 -0.23 -14.99 8.77
N ARG A 172 -0.31 -14.59 7.49
CA ARG A 172 0.14 -13.24 7.11
C ARG A 172 -0.85 -12.27 7.80
N SER A 173 -2.13 -12.66 7.87
CA SER A 173 -3.20 -11.88 8.52
C SER A 173 -2.90 -11.69 10.02
N PHE A 174 -2.61 -12.78 10.75
CA PHE A 174 -2.29 -12.78 12.19
C PHE A 174 -1.09 -11.89 12.48
N LEU A 175 0.00 -12.14 11.74
CA LEU A 175 1.27 -11.44 11.91
C LEU A 175 1.22 -9.92 11.66
N TRP A 176 0.40 -9.49 10.68
CA TRP A 176 0.25 -8.06 10.43
C TRP A 176 -0.33 -7.39 11.67
N LYS A 177 -1.37 -8.01 12.24
CA LYS A 177 -2.00 -7.47 13.44
C LYS A 177 -1.02 -7.51 14.62
N MET A 178 -0.24 -8.60 14.70
CA MET A 178 0.74 -8.78 15.77
C MET A 178 1.98 -7.88 15.71
N PHE A 179 2.55 -7.70 14.53
CA PHE A 179 3.79 -6.94 14.37
C PHE A 179 3.82 -5.70 13.50
N PHE A 180 2.82 -5.49 12.65
CA PHE A 180 2.81 -4.31 11.80
C PHE A 180 1.78 -3.27 12.25
N GLU A 181 1.07 -3.56 13.33
CA GLU A 181 0.02 -2.68 13.81
C GLU A 181 0.04 -2.45 15.33
N LYS A 182 -0.32 -1.21 15.69
CA LYS A 182 -0.40 -0.74 17.07
C LYS A 182 -1.88 -0.75 17.51
N HIS A 183 -2.31 -1.79 18.20
CA HIS A 183 -3.70 -1.86 18.66
C HIS A 183 -3.85 -1.54 20.13
N GLU A 184 -4.80 -0.64 20.41
CA GLU A 184 -5.11 -0.20 21.76
C GLU A 184 -5.44 -1.38 22.65
N ASP A 185 -6.47 -2.11 22.25
CA ASP A 185 -6.99 -3.28 22.95
C ASP A 185 -6.18 -4.57 22.77
N TYR A 186 -5.20 -4.55 21.86
CA TYR A 186 -4.38 -5.74 21.63
C TYR A 186 -2.96 -5.42 21.19
N GLN A 187 -2.01 -5.59 22.09
CA GLN A 187 -0.62 -5.42 21.73
C GLN A 187 0.02 -6.75 22.07
N PHE A 188 0.43 -7.45 21.01
CA PHE A 188 1.02 -8.76 21.16
C PHE A 188 2.39 -8.79 21.83
N ASN A 189 2.53 -9.66 22.83
CA ASN A 189 3.81 -9.80 23.51
C ASN A 189 4.20 -11.24 23.80
N GLY A 190 3.50 -12.20 23.21
CA GLY A 190 3.83 -13.60 23.41
C GLY A 190 4.90 -14.02 22.42
N LEU A 191 4.92 -15.29 22.05
CA LEU A 191 5.86 -15.81 21.06
C LEU A 191 5.09 -16.30 19.85
N ALA A 192 5.42 -15.73 18.70
CA ALA A 192 4.83 -16.13 17.44
C ALA A 192 5.91 -16.93 16.67
N TRP A 193 5.64 -18.20 16.41
CA TRP A 193 6.61 -19.05 15.70
C TRP A 193 5.97 -19.57 14.42
N LEU A 194 6.52 -19.15 13.30
CA LEU A 194 6.03 -19.55 11.99
C LEU A 194 6.94 -20.53 11.26
N PHE A 195 6.33 -21.62 10.78
CA PHE A 195 6.96 -22.67 9.96
C PHE A 195 6.22 -22.68 8.60
N LEU A 196 6.93 -22.50 7.50
CA LEU A 196 6.29 -22.48 6.17
C LEU A 196 7.00 -23.40 5.18
N GLY A 197 6.23 -24.31 4.60
CA GLY A 197 6.77 -25.23 3.62
C GLY A 197 6.43 -24.75 2.23
N VAL A 198 7.44 -24.62 1.38
CA VAL A 198 7.26 -24.20 -0.01
C VAL A 198 8.27 -25.04 -0.82
N PRO A 199 8.03 -25.26 -2.13
CA PRO A 199 9.00 -26.08 -2.87
C PRO A 199 10.38 -25.53 -3.19
N THR A 200 10.47 -24.24 -3.47
CA THR A 200 11.74 -23.60 -3.88
C THR A 200 11.93 -22.22 -3.29
N SER A 201 13.14 -21.68 -3.40
CA SER A 201 13.42 -20.34 -2.90
C SER A 201 12.60 -19.30 -3.66
N SER A 202 12.36 -19.55 -4.94
CA SER A 202 11.57 -18.65 -5.78
C SER A 202 10.08 -18.70 -5.38
N SER A 203 9.77 -19.58 -4.43
CA SER A 203 8.42 -19.77 -3.93
C SER A 203 8.23 -19.30 -2.48
N LEU A 204 9.21 -18.59 -1.91
CA LEU A 204 9.10 -18.12 -0.53
C LEU A 204 8.12 -16.95 -0.41
N LEU A 205 6.88 -17.28 -0.08
CA LEU A 205 5.80 -16.31 0.04
C LEU A 205 5.99 -15.28 1.16
N TYR A 206 5.91 -14.00 0.79
CA TYR A 206 6.01 -12.88 1.72
C TYR A 206 7.32 -12.81 2.49
N LYS A 207 8.37 -13.35 1.90
CA LYS A 207 9.70 -13.41 2.50
C LYS A 207 10.17 -12.06 3.06
N GLU A 208 10.08 -11.01 2.25
CA GLU A 208 10.51 -9.68 2.67
C GLU A 208 9.70 -9.13 3.85
N GLU A 209 8.38 -9.32 3.83
CA GLU A 209 7.53 -8.85 4.93
C GLU A 209 7.91 -9.55 6.23
N PHE A 210 8.08 -10.87 6.16
CA PHE A 210 8.43 -11.67 7.34
C PHE A 210 9.82 -11.24 7.84
N GLU A 211 10.74 -10.93 6.93
CA GLU A 211 12.07 -10.47 7.34
C GLU A 211 12.04 -9.12 8.05
N LYS A 212 11.15 -8.23 7.64
CA LYS A 212 10.99 -6.93 8.28
C LYS A 212 10.45 -7.14 9.70
N MET A 213 9.53 -8.10 9.88
CA MET A 213 8.93 -8.41 11.18
C MET A 213 9.97 -9.01 12.12
N LYS A 214 10.88 -9.80 11.56
CA LYS A 214 11.93 -10.44 12.35
C LYS A 214 12.89 -9.35 12.82
N GLU A 215 13.16 -8.41 11.92
CA GLU A 215 14.04 -7.28 12.17
C GLU A 215 13.37 -6.27 13.12
N LYS A 216 12.07 -6.41 13.35
CA LYS A 216 11.36 -5.53 14.25
C LYS A 216 11.00 -6.18 15.57
N ALA A 217 10.96 -7.51 15.60
CA ALA A 217 10.64 -8.28 16.80
C ALA A 217 11.56 -9.50 16.77
N PRO A 218 12.89 -9.27 16.89
CA PRO A 218 13.92 -10.32 16.87
C PRO A 218 13.83 -11.36 17.99
N GLU A 219 13.18 -11.00 19.08
CA GLU A 219 13.03 -11.90 20.21
C GLU A 219 11.83 -12.80 20.01
N ASN A 220 10.65 -12.20 20.02
CA ASN A 220 9.41 -12.94 19.93
C ASN A 220 8.76 -13.30 18.59
N PHE A 221 9.50 -13.19 17.50
CA PHE A 221 8.99 -13.67 16.23
C PHE A 221 10.07 -14.59 15.71
N ARG A 222 9.73 -15.87 15.56
CA ARG A 222 10.63 -16.89 15.02
C ARG A 222 10.10 -17.37 13.67
N LEU A 223 11.00 -17.52 12.71
CA LEU A 223 10.65 -17.88 11.36
C LEU A 223 11.51 -19.03 10.81
N ASP A 224 10.86 -20.08 10.36
CA ASP A 224 11.56 -21.22 9.79
C ASP A 224 10.94 -21.69 8.49
N PHE A 225 11.72 -21.67 7.42
CA PHE A 225 11.27 -22.14 6.12
C PHE A 225 11.73 -23.57 5.87
N ALA A 226 10.88 -24.31 5.18
CA ALA A 226 11.13 -25.69 4.84
C ALA A 226 11.01 -25.76 3.32
N VAL A 227 12.14 -25.64 2.62
CA VAL A 227 12.18 -25.65 1.15
C VAL A 227 12.42 -27.09 0.68
N SER A 228 11.30 -27.78 0.40
CA SER A 228 11.27 -29.18 0.03
C SER A 228 12.12 -29.67 -1.11
N ARG A 229 12.31 -28.85 -2.14
CA ARG A 229 13.10 -29.29 -3.28
C ARG A 229 14.50 -28.73 -3.32
N GLU A 230 14.92 -28.10 -2.24
CA GLU A 230 16.25 -27.52 -2.18
C GLU A 230 16.99 -27.88 -0.92
N GLN A 231 16.26 -28.09 0.17
CA GLN A 231 16.89 -28.43 1.44
C GLN A 231 16.68 -29.88 1.77
N VAL A 232 17.57 -30.39 2.61
CA VAL A 232 17.55 -31.79 2.97
C VAL A 232 18.14 -31.93 4.38
N ASN A 233 17.66 -32.91 5.16
CA ASN A 233 18.25 -33.12 6.48
C ASN A 233 19.56 -33.96 6.38
N ASP A 234 20.16 -34.31 7.52
CA ASP A 234 21.42 -35.07 7.51
C ASP A 234 21.37 -36.40 6.76
N LYS A 235 20.18 -37.00 6.68
CA LYS A 235 19.96 -38.27 6.00
C LYS A 235 19.57 -38.11 4.53
N GLY A 236 19.52 -36.87 4.04
CA GLY A 236 19.16 -36.65 2.66
C GLY A 236 17.66 -36.60 2.41
N GLU A 237 16.85 -36.52 3.47
CA GLU A 237 15.40 -36.44 3.36
C GLU A 237 14.98 -35.02 2.98
N LYS A 238 13.98 -34.91 2.10
CA LYS A 238 13.44 -33.61 1.67
C LYS A 238 12.95 -32.83 2.89
N MET A 239 13.29 -31.54 2.91
CA MET A 239 12.88 -30.68 4.02
C MET A 239 11.46 -30.21 3.90
N TYR A 240 10.52 -31.07 4.32
CA TYR A 240 9.10 -30.73 4.35
C TYR A 240 8.90 -30.01 5.69
N ILE A 241 7.71 -29.46 5.94
CA ILE A 241 7.47 -28.76 7.18
C ILE A 241 7.76 -29.57 8.47
N GLN A 242 7.33 -30.83 8.52
CA GLN A 242 7.58 -31.66 9.70
C GLN A 242 9.05 -32.05 9.88
N THR A 243 9.81 -32.07 8.79
CA THR A 243 11.23 -32.39 8.81
C THR A 243 11.99 -31.23 9.48
N ARG A 244 11.52 -29.99 9.24
CA ARG A 244 12.11 -28.79 9.85
C ARG A 244 11.70 -28.71 11.34
N MET A 245 10.43 -29.06 11.63
CA MET A 245 9.93 -29.04 13.01
C MET A 245 10.73 -30.02 13.85
N ALA A 246 11.14 -31.13 13.22
CA ALA A 246 11.92 -32.16 13.87
C ALA A 246 13.22 -31.62 14.48
N GLN A 247 13.79 -30.59 13.86
CA GLN A 247 15.04 -29.99 14.37
C GLN A 247 14.83 -29.23 15.69
N TYR A 248 13.57 -28.95 16.02
CA TYR A 248 13.18 -28.23 17.23
C TYR A 248 12.22 -29.06 18.06
N ALA A 249 12.34 -30.38 17.94
CA ALA A 249 11.46 -31.32 18.65
C ALA A 249 11.35 -31.06 20.17
N GLU A 250 12.49 -30.95 20.83
CA GLU A 250 12.59 -30.70 22.27
C GLU A 250 11.78 -29.43 22.66
N GLU A 251 12.09 -28.33 21.98
CA GLU A 251 11.45 -27.03 22.24
C GLU A 251 9.94 -27.01 21.99
N LEU A 252 9.52 -27.54 20.84
CA LEU A 252 8.11 -27.55 20.49
C LEU A 252 7.28 -28.38 21.47
N TRP A 253 7.82 -29.53 21.88
CA TRP A 253 7.13 -30.41 22.83
C TRP A 253 6.97 -29.68 24.16
N GLU A 254 8.04 -29.01 24.57
CA GLU A 254 8.08 -28.22 25.80
C GLU A 254 7.01 -27.12 25.75
N LEU A 255 6.88 -26.47 24.59
CA LEU A 255 5.87 -25.43 24.42
C LEU A 255 4.48 -26.07 24.41
N LEU A 256 4.36 -27.23 23.77
CA LEU A 256 3.08 -27.93 23.70
C LEU A 256 2.54 -28.36 25.06
N LYS A 257 3.42 -28.45 26.06
CA LYS A 257 2.99 -28.80 27.39
C LYS A 257 2.51 -27.52 28.12
N LYS A 258 2.90 -26.35 27.62
CA LYS A 258 2.49 -25.08 28.22
C LYS A 258 1.00 -24.83 27.96
N ASP A 259 0.30 -24.26 28.93
CA ASP A 259 -1.14 -24.03 28.80
C ASP A 259 -1.59 -22.82 27.97
N ASN A 260 -0.65 -21.95 27.60
CA ASN A 260 -0.97 -20.78 26.81
C ASN A 260 -0.39 -20.92 25.39
N THR A 261 -0.21 -22.16 24.95
CA THR A 261 0.31 -22.44 23.61
C THR A 261 -0.83 -22.85 22.66
N PHE A 262 -0.96 -22.12 21.55
CA PHE A 262 -1.97 -22.42 20.54
C PHE A 262 -1.29 -22.77 19.23
N VAL A 263 -1.70 -23.90 18.66
CA VAL A 263 -1.15 -24.33 17.39
C VAL A 263 -2.21 -24.14 16.28
N TYR A 264 -1.78 -23.57 15.14
CA TYR A 264 -2.66 -23.38 13.97
C TYR A 264 -1.98 -24.02 12.77
N MET A 265 -2.78 -24.73 11.97
CA MET A 265 -2.26 -25.43 10.80
C MET A 265 -3.14 -25.10 9.59
N CYS A 266 -2.52 -24.73 8.47
CA CYS A 266 -3.26 -24.37 7.27
C CYS A 266 -2.50 -24.72 5.97
N GLY A 267 -3.24 -25.19 4.97
CA GLY A 267 -2.62 -25.55 3.70
C GLY A 267 -3.01 -26.93 3.20
N LEU A 268 -2.04 -27.65 2.68
CA LEU A 268 -2.26 -29.01 2.13
C LEU A 268 -2.81 -30.02 3.14
N LYS A 269 -3.85 -30.74 2.72
CA LYS A 269 -4.51 -31.78 3.49
C LYS A 269 -3.49 -32.83 4.00
N GLY A 270 -2.50 -33.14 3.18
CA GLY A 270 -1.49 -34.13 3.54
C GLY A 270 -0.45 -33.79 4.60
N MET A 271 -0.30 -32.51 4.91
CA MET A 271 0.67 -32.03 5.91
C MET A 271 0.35 -32.54 7.32
N GLU A 272 -0.93 -32.82 7.52
CA GLU A 272 -1.45 -33.27 8.80
C GLU A 272 -0.83 -34.55 9.33
N LYS A 273 -0.54 -35.49 8.42
CA LYS A 273 0.03 -36.76 8.84
C LYS A 273 1.49 -36.72 9.29
N GLY A 274 2.35 -36.08 8.49
CA GLY A 274 3.75 -36.01 8.85
C GLY A 274 3.95 -35.33 10.20
N ILE A 275 3.10 -34.36 10.48
CA ILE A 275 3.17 -33.63 11.73
C ILE A 275 2.79 -34.57 12.89
N ASP A 276 1.73 -35.35 12.73
CA ASP A 276 1.31 -36.29 13.78
C ASP A 276 2.38 -37.36 14.04
N ASP A 277 3.04 -37.81 12.97
CA ASP A 277 4.12 -38.80 13.09
C ASP A 277 5.19 -38.23 14.02
N ILE A 278 5.55 -36.97 13.78
CA ILE A 278 6.53 -36.26 14.58
C ILE A 278 6.05 -36.17 16.04
N MET A 279 4.79 -35.78 16.24
CA MET A 279 4.23 -35.61 17.58
C MET A 279 4.08 -36.90 18.37
N VAL A 280 3.69 -37.96 17.69
CA VAL A 280 3.47 -39.24 18.37
C VAL A 280 4.73 -39.74 19.08
N SER A 281 5.89 -39.49 18.44
CA SER A 281 7.20 -39.90 18.96
C SER A 281 7.59 -39.15 20.23
N LEU A 282 7.47 -37.82 20.17
CA LEU A 282 7.77 -36.94 21.29
C LEU A 282 6.96 -37.30 22.52
N ALA A 283 5.65 -37.34 22.35
CA ALA A 283 4.73 -37.68 23.44
C ALA A 283 5.09 -39.05 23.98
N ALA A 284 5.40 -39.98 23.07
CA ALA A 284 5.76 -41.34 23.43
C ALA A 284 6.93 -41.35 24.40
N LYS A 285 8.05 -40.76 23.96
CA LYS A 285 9.25 -40.68 24.78
C LYS A 285 8.94 -40.00 26.12
N ASP A 286 7.92 -39.16 26.13
CA ASP A 286 7.52 -38.48 27.34
C ASP A 286 6.48 -39.29 28.08
N GLY A 287 6.28 -40.54 27.63
CA GLY A 287 5.31 -41.41 28.25
C GLY A 287 3.92 -40.85 28.13
N ILE A 288 3.64 -40.24 26.99
CA ILE A 288 2.34 -39.64 26.73
C ILE A 288 1.81 -40.21 25.42
N ASP A 289 0.50 -40.32 25.31
CA ASP A 289 -0.13 -40.80 24.09
C ASP A 289 -0.67 -39.59 23.32
N TRP A 290 -0.07 -39.32 22.17
CA TRP A 290 -0.46 -38.19 21.32
C TRP A 290 -1.93 -38.22 20.96
N ILE A 291 -2.45 -39.42 20.67
CA ILE A 291 -3.86 -39.62 20.32
C ILE A 291 -4.77 -38.95 21.35
N GLU A 292 -4.51 -39.27 22.62
CA GLU A 292 -5.26 -38.70 23.73
C GLU A 292 -4.90 -37.25 23.97
N TYR A 293 -3.61 -36.95 23.96
CA TYR A 293 -3.17 -35.59 24.19
C TYR A 293 -3.72 -34.62 23.15
N LYS A 294 -3.71 -35.02 21.89
CA LYS A 294 -4.22 -34.17 20.81
C LYS A 294 -5.69 -33.86 21.00
N ARG A 295 -6.46 -34.88 21.42
CA ARG A 295 -7.90 -34.74 21.68
C ARG A 295 -8.14 -33.61 22.69
N THR A 296 -7.36 -33.64 23.77
CA THR A 296 -7.42 -32.66 24.83
C THR A 296 -7.15 -31.27 24.25
N LEU A 297 -6.03 -31.13 23.53
CA LEU A 297 -5.62 -29.87 22.90
C LEU A 297 -6.72 -29.31 22.02
N LYS A 298 -7.26 -30.14 21.13
CA LYS A 298 -8.35 -29.76 20.22
C LYS A 298 -9.56 -29.25 21.00
N LYS A 299 -9.94 -29.98 22.06
CA LYS A 299 -11.08 -29.57 22.88
C LYS A 299 -10.74 -28.30 23.64
N ALA A 300 -9.47 -28.11 23.97
CA ALA A 300 -9.02 -26.91 24.70
C ALA A 300 -8.78 -25.72 23.75
N GLU A 301 -9.16 -25.88 22.48
CA GLU A 301 -8.99 -24.85 21.43
C GLU A 301 -7.52 -24.55 21.11
N GLN A 302 -6.64 -25.52 21.33
CA GLN A 302 -5.22 -25.32 21.13
C GLN A 302 -4.55 -26.05 19.99
N TRP A 303 -5.35 -26.74 19.19
CA TRP A 303 -4.84 -27.46 18.01
C TRP A 303 -5.88 -27.21 16.92
N ASN A 304 -5.71 -26.08 16.22
CA ASN A 304 -6.63 -25.60 15.18
C ASN A 304 -6.17 -25.89 13.77
N VAL A 305 -7.01 -26.61 13.03
CA VAL A 305 -6.67 -27.04 11.69
C VAL A 305 -7.63 -26.65 10.57
N GLU A 306 -7.08 -26.13 9.48
CA GLU A 306 -7.88 -25.78 8.31
C GLU A 306 -7.07 -26.13 7.05
N VAL A 307 -7.22 -27.37 6.63
CA VAL A 307 -6.52 -27.88 5.45
C VAL A 307 -7.54 -28.42 4.43
N SER A 308 -7.10 -28.55 3.18
CA SER A 308 -7.93 -29.09 2.12
C SER A 308 -7.09 -29.57 0.94
N SER B 14 23.97 15.60 -17.45
CA SER B 14 22.94 16.36 -16.68
C SER B 14 23.04 16.08 -15.18
N LYS B 15 22.66 17.08 -14.38
CA LYS B 15 22.67 16.96 -12.92
C LYS B 15 21.40 16.29 -12.43
N LYS B 16 20.40 16.19 -13.32
CA LYS B 16 19.11 15.61 -13.00
C LYS B 16 18.99 14.15 -13.44
N GLN B 17 18.06 13.44 -12.81
CA GLN B 17 17.78 12.03 -13.11
C GLN B 17 16.98 11.91 -14.42
N ASP B 18 17.68 12.01 -15.55
CA ASP B 18 17.03 11.95 -16.86
C ASP B 18 17.47 10.79 -17.74
N GLU B 19 18.23 9.85 -17.18
CA GLU B 19 18.68 8.71 -17.96
C GLU B 19 17.52 7.83 -18.45
N ASN B 20 17.36 7.81 -19.78
CA ASN B 20 16.31 7.09 -20.50
C ASN B 20 14.93 7.65 -20.21
N ILE B 21 14.89 8.97 -20.04
CA ILE B 21 13.67 9.71 -19.77
C ILE B 21 12.70 9.49 -20.94
N VAL B 22 11.41 9.40 -20.64
CA VAL B 22 10.40 9.20 -21.67
C VAL B 22 9.38 10.32 -21.65
N VAL B 23 9.14 10.92 -22.82
CA VAL B 23 8.15 11.97 -22.97
C VAL B 23 7.34 11.65 -24.23
N ASN B 24 6.04 11.92 -24.14
CA ASN B 24 5.08 11.73 -25.23
C ASN B 24 4.89 10.36 -25.83
N LYS B 25 4.90 9.33 -25.00
CA LYS B 25 4.68 7.98 -25.47
C LYS B 25 3.23 7.92 -26.01
N PHE B 26 2.31 8.52 -25.26
CA PHE B 26 0.91 8.56 -25.67
C PHE B 26 0.49 9.96 -26.07
N LYS B 27 -0.18 10.05 -27.22
CA LYS B 27 -0.67 11.31 -27.75
C LYS B 27 -2.19 11.39 -27.63
N PRO B 28 -2.75 12.61 -27.66
CA PRO B 28 -4.21 12.81 -27.54
C PRO B 28 -5.12 12.14 -28.57
N LYS B 29 -4.58 11.83 -29.74
CA LYS B 29 -5.40 11.19 -30.75
C LYS B 29 -5.66 9.76 -30.32
N GLU B 30 -4.62 9.11 -29.80
CA GLU B 30 -4.69 7.73 -29.32
C GLU B 30 -4.09 7.67 -27.92
N PRO B 31 -4.87 8.07 -26.90
CA PRO B 31 -4.40 8.04 -25.52
C PRO B 31 -4.45 6.66 -24.84
N TYR B 32 -3.72 6.52 -23.73
CA TYR B 32 -3.77 5.31 -22.96
C TYR B 32 -5.05 5.39 -22.14
N VAL B 33 -5.85 4.33 -22.15
CA VAL B 33 -7.08 4.33 -21.37
C VAL B 33 -6.90 3.55 -20.06
N GLY B 34 -6.84 4.28 -18.96
CA GLY B 34 -6.69 3.67 -17.65
C GLY B 34 -8.05 3.72 -16.96
N ARG B 35 -8.05 3.28 -15.71
CA ARG B 35 -9.28 3.28 -14.95
C ARG B 35 -9.04 3.86 -13.56
N CYS B 36 -10.08 4.48 -13.00
CA CYS B 36 -10.00 5.05 -11.67
C CYS B 36 -10.05 3.92 -10.64
N LEU B 37 -9.00 3.85 -9.81
CA LEU B 37 -8.90 2.83 -8.78
C LEU B 37 -9.42 3.40 -7.45
N LEU B 38 -9.17 4.69 -7.21
CA LEU B 38 -9.59 5.34 -5.98
C LEU B 38 -9.67 6.85 -6.25
N ASN B 39 -10.53 7.55 -5.51
CA ASN B 39 -10.67 8.99 -5.65
C ASN B 39 -11.21 9.51 -4.32
N THR B 40 -10.43 10.35 -3.64
CA THR B 40 -10.80 10.93 -2.33
C THR B 40 -10.55 12.42 -2.24
N LYS B 41 -11.42 13.13 -1.54
CA LYS B 41 -11.27 14.55 -1.33
C LYS B 41 -10.31 14.65 -0.14
N ILE B 42 -9.18 15.32 -0.32
CA ILE B 42 -8.21 15.40 0.76
C ILE B 42 -8.22 16.70 1.58
N THR B 43 -9.18 17.58 1.29
CA THR B 43 -9.29 18.84 2.01
C THR B 43 -10.52 18.77 2.90
N GLY B 44 -10.53 19.57 3.96
CA GLY B 44 -11.64 19.57 4.88
C GLY B 44 -12.89 20.22 4.29
N ASP B 45 -14.05 19.92 4.86
CA ASP B 45 -15.31 20.49 4.39
C ASP B 45 -15.38 22.02 4.42
N ASP B 46 -14.69 22.63 5.39
CA ASP B 46 -14.66 24.10 5.53
C ASP B 46 -13.58 24.78 4.67
N ALA B 47 -12.96 24.02 3.77
CA ALA B 47 -11.92 24.58 2.91
C ALA B 47 -12.56 25.44 1.81
N PRO B 48 -11.92 26.58 1.44
CA PRO B 48 -12.46 27.46 0.40
C PRO B 48 -12.69 26.76 -0.97
N GLY B 49 -12.11 25.58 -1.13
CA GLY B 49 -12.25 24.81 -2.36
C GLY B 49 -12.02 23.33 -2.07
N GLU B 50 -12.11 22.50 -3.10
CA GLU B 50 -11.91 21.05 -2.94
C GLU B 50 -10.73 20.54 -3.71
N THR B 51 -9.86 19.78 -3.05
CA THR B 51 -8.71 19.17 -3.71
C THR B 51 -8.88 17.65 -3.55
N TRP B 52 -8.75 16.95 -4.67
CA TRP B 52 -8.91 15.51 -4.68
C TRP B 52 -7.63 14.75 -5.06
N HIS B 53 -7.43 13.60 -4.43
CA HIS B 53 -6.30 12.72 -4.73
C HIS B 53 -6.91 11.49 -5.38
N MET B 54 -6.40 11.14 -6.56
CA MET B 54 -6.92 10.00 -7.29
C MET B 54 -5.81 9.13 -7.85
N VAL B 55 -6.08 7.82 -7.89
CA VAL B 55 -5.13 6.81 -8.40
C VAL B 55 -5.75 6.10 -9.62
N PHE B 56 -4.98 6.05 -10.72
CA PHE B 56 -5.41 5.43 -11.97
C PHE B 56 -4.53 4.24 -12.33
N SER B 57 -5.12 3.25 -13.00
CA SER B 57 -4.39 2.08 -13.44
C SER B 57 -3.68 2.41 -14.76
N THR B 58 -2.47 1.88 -14.94
CA THR B 58 -1.69 2.11 -16.16
C THR B 58 -1.04 0.85 -16.72
N GLU B 59 -1.17 -0.28 -16.02
CA GLU B 59 -0.53 -1.55 -16.45
C GLU B 59 0.98 -1.36 -16.62
N GLY B 60 1.51 -0.31 -15.98
CA GLY B 60 2.93 0.00 -16.10
C GLY B 60 3.31 0.45 -17.50
N GLU B 61 2.29 0.82 -18.28
CA GLU B 61 2.43 1.26 -19.67
C GLU B 61 2.91 2.71 -19.86
N VAL B 62 2.61 3.59 -18.89
CA VAL B 62 3.01 5.00 -18.95
C VAL B 62 4.32 5.11 -18.14
N PRO B 63 5.47 5.16 -18.82
CA PRO B 63 6.82 5.23 -18.25
C PRO B 63 7.31 6.57 -17.65
N TYR B 64 6.64 7.01 -16.59
CA TYR B 64 6.98 8.28 -15.97
C TYR B 64 7.94 8.17 -14.80
N ARG B 65 8.44 9.33 -14.37
CA ARG B 65 9.32 9.41 -13.22
C ARG B 65 8.96 10.71 -12.46
N GLU B 66 9.50 10.82 -11.25
CA GLU B 66 9.28 11.96 -10.38
C GLU B 66 9.52 13.29 -11.09
N GLY B 67 8.55 14.21 -10.97
CA GLY B 67 8.67 15.52 -11.59
C GLY B 67 7.94 15.73 -12.91
N GLN B 68 7.50 14.65 -13.56
CA GLN B 68 6.80 14.74 -14.84
C GLN B 68 5.30 14.91 -14.66
N SER B 69 4.62 15.23 -15.76
CA SER B 69 3.17 15.39 -15.78
C SER B 69 2.60 14.42 -16.79
N ILE B 70 1.27 14.35 -16.80
CA ILE B 70 0.51 13.56 -17.77
C ILE B 70 -0.66 14.48 -18.19
N GLY B 71 -1.17 14.25 -19.39
CA GLY B 71 -2.30 15.02 -19.87
C GLY B 71 -3.55 14.18 -19.66
N ILE B 72 -4.70 14.84 -19.57
CA ILE B 72 -5.95 14.16 -19.41
C ILE B 72 -6.96 14.79 -20.39
N VAL B 73 -7.59 13.95 -21.22
CA VAL B 73 -8.59 14.42 -22.14
C VAL B 73 -9.91 14.12 -21.45
N PRO B 74 -10.59 15.17 -20.94
CA PRO B 74 -11.87 14.89 -20.27
C PRO B 74 -12.96 14.39 -21.25
N ASP B 75 -13.83 13.49 -20.77
CA ASP B 75 -14.92 12.95 -21.56
C ASP B 75 -15.89 14.07 -21.92
N GLY B 76 -16.58 13.88 -23.04
CA GLY B 76 -17.54 14.87 -23.44
C GLY B 76 -17.23 15.61 -24.71
N ILE B 77 -18.03 16.63 -24.93
CA ILE B 77 -17.93 17.44 -26.11
C ILE B 77 -18.08 18.89 -25.68
N ASP B 78 -17.39 19.80 -26.35
CA ASP B 78 -17.52 21.21 -26.00
C ASP B 78 -18.79 21.79 -26.64
N LYS B 79 -18.94 23.10 -26.56
CA LYS B 79 -20.09 23.82 -27.11
C LYS B 79 -20.22 23.64 -28.64
N ASN B 80 -19.07 23.40 -29.28
CA ASN B 80 -19.01 23.22 -30.71
C ASN B 80 -19.00 21.77 -31.21
N GLY B 81 -19.38 20.85 -30.34
CA GLY B 81 -19.44 19.43 -30.69
C GLY B 81 -18.09 18.77 -30.90
N LYS B 82 -17.06 19.43 -30.38
CA LYS B 82 -15.68 18.97 -30.48
C LYS B 82 -15.19 18.33 -29.17
N PRO B 83 -14.36 17.28 -29.27
CA PRO B 83 -13.87 16.66 -28.04
C PRO B 83 -12.95 17.67 -27.32
N HIS B 84 -12.92 17.60 -26.01
CA HIS B 84 -12.10 18.50 -25.21
C HIS B 84 -10.58 18.39 -25.43
N LYS B 85 -9.89 19.53 -25.31
CA LYS B 85 -8.44 19.55 -25.43
C LYS B 85 -7.87 19.03 -24.11
N LEU B 86 -6.68 18.43 -24.14
CA LEU B 86 -6.10 17.89 -22.91
C LEU B 86 -5.64 18.96 -21.91
N ARG B 87 -5.68 18.63 -20.62
CA ARG B 87 -5.18 19.51 -19.57
C ARG B 87 -4.06 18.73 -18.89
N LEU B 88 -3.02 19.41 -18.47
CA LEU B 88 -1.90 18.76 -17.80
C LEU B 88 -2.04 18.72 -16.29
N TYR B 89 -1.51 17.67 -15.67
CA TYR B 89 -1.54 17.51 -14.23
C TYR B 89 -0.22 16.88 -13.80
N SER B 90 0.41 17.48 -12.79
CA SER B 90 1.68 16.99 -12.25
C SER B 90 1.42 15.69 -11.50
N ILE B 91 2.27 14.71 -11.71
CA ILE B 91 2.12 13.40 -11.05
C ILE B 91 2.48 13.52 -9.56
N ALA B 92 1.52 13.17 -8.71
CA ALA B 92 1.64 13.25 -7.26
C ALA B 92 2.26 12.02 -6.61
N SER B 93 2.49 10.96 -7.38
CA SER B 93 3.09 9.73 -6.86
C SER B 93 4.51 9.52 -7.40
N SER B 94 5.29 8.73 -6.67
CA SER B 94 6.64 8.40 -7.11
C SER B 94 6.52 7.45 -8.31
N ALA B 95 7.64 7.11 -8.94
CA ALA B 95 7.61 6.23 -10.11
C ALA B 95 6.96 4.87 -9.84
N ILE B 96 7.21 4.30 -8.66
CA ILE B 96 6.61 3.01 -8.33
C ILE B 96 5.10 3.13 -7.97
N GLY B 97 4.61 4.37 -7.84
CA GLY B 97 3.20 4.61 -7.56
C GLY B 97 2.76 4.42 -6.12
N ASP B 98 1.54 4.88 -5.82
CA ASP B 98 0.97 4.80 -4.47
C ASP B 98 0.73 3.40 -3.91
N PHE B 99 0.66 2.42 -4.81
CA PHE B 99 0.43 1.03 -4.41
C PHE B 99 1.73 0.25 -4.39
N GLY B 100 2.84 0.90 -4.74
CA GLY B 100 4.14 0.28 -4.74
C GLY B 100 4.35 -0.85 -5.74
N ASP B 101 3.50 -0.94 -6.76
CA ASP B 101 3.59 -2.01 -7.76
C ASP B 101 3.99 -1.57 -9.15
N SER B 102 4.32 -0.29 -9.31
CA SER B 102 4.73 0.28 -10.60
C SER B 102 3.64 0.12 -11.69
N LYS B 103 2.38 0.15 -11.29
CA LYS B 103 1.29 0.01 -12.26
C LYS B 103 0.16 1.03 -12.13
N THR B 104 0.47 2.14 -11.47
CA THR B 104 -0.49 3.22 -11.29
C THR B 104 0.17 4.59 -11.46
N VAL B 105 -0.67 5.63 -11.44
CA VAL B 105 -0.24 7.01 -11.53
C VAL B 105 -1.32 7.78 -10.76
N SER B 106 -0.89 8.79 -9.99
CA SER B 106 -1.79 9.58 -9.18
C SER B 106 -1.72 11.06 -9.49
N LEU B 107 -2.81 11.76 -9.22
CA LEU B 107 -2.94 13.20 -9.41
C LEU B 107 -3.51 13.89 -8.17
N CYS B 108 -3.18 15.17 -8.04
CA CYS B 108 -3.64 16.02 -6.95
C CYS B 108 -4.38 17.16 -7.70
N VAL B 109 -5.70 17.07 -7.71
CA VAL B 109 -6.53 18.00 -8.49
C VAL B 109 -7.43 18.95 -7.71
N LYS B 110 -7.29 20.23 -8.02
CA LYS B 110 -8.13 21.28 -7.43
C LYS B 110 -9.40 21.39 -8.31
N ARG B 111 -10.59 21.20 -7.71
CA ARG B 111 -11.85 21.33 -8.46
C ARG B 111 -12.10 22.81 -8.73
N LEU B 112 -12.00 23.21 -9.99
CA LEU B 112 -12.21 24.61 -10.36
C LEU B 112 -13.68 24.99 -10.43
N VAL B 113 -14.05 25.94 -9.55
CA VAL B 113 -15.41 26.47 -9.47
C VAL B 113 -15.24 27.98 -9.18
N TYR B 114 -15.88 28.83 -9.98
CA TYR B 114 -15.78 30.26 -9.75
C TYR B 114 -16.96 31.01 -10.31
N THR B 115 -17.00 32.31 -10.05
CA THR B 115 -18.09 33.13 -10.55
C THR B 115 -17.54 34.18 -11.50
N ASN B 116 -18.15 34.26 -12.69
CA ASN B 116 -17.73 35.23 -13.71
C ASN B 116 -18.12 36.66 -13.28
N ASP B 117 -17.81 37.63 -14.13
CA ASP B 117 -18.12 39.03 -13.85
C ASP B 117 -19.63 39.28 -13.68
N ALA B 118 -20.43 38.57 -14.47
CA ALA B 118 -21.88 38.68 -14.43
C ALA B 118 -22.49 37.99 -13.21
N GLY B 119 -21.63 37.40 -12.38
CA GLY B 119 -22.10 36.72 -11.17
C GLY B 119 -22.50 35.26 -11.27
N GLU B 120 -22.30 34.63 -12.43
CA GLU B 120 -22.65 33.21 -12.64
C GLU B 120 -21.53 32.23 -12.24
N VAL B 121 -21.89 31.20 -11.49
CA VAL B 121 -20.90 30.20 -11.07
C VAL B 121 -20.50 29.33 -12.26
N VAL B 122 -19.19 29.25 -12.48
CA VAL B 122 -18.59 28.49 -13.57
C VAL B 122 -17.72 27.34 -13.05
N LYS B 123 -17.81 26.19 -13.73
CA LYS B 123 -17.06 24.98 -13.39
C LYS B 123 -16.01 24.66 -14.45
N GLY B 124 -14.76 24.48 -14.03
CA GLY B 124 -13.72 24.10 -14.98
C GLY B 124 -14.05 22.69 -15.51
N VAL B 125 -13.94 22.52 -16.82
CA VAL B 125 -14.25 21.24 -17.45
C VAL B 125 -13.50 20.01 -16.93
N CYS B 126 -12.18 19.99 -17.15
CA CYS B 126 -11.38 18.86 -16.76
C CYS B 126 -11.28 18.57 -15.26
N SER B 127 -11.10 19.60 -14.43
CA SER B 127 -10.99 19.38 -12.99
C SER B 127 -12.26 18.80 -12.38
N ASN B 128 -13.40 19.20 -12.92
CA ASN B 128 -14.69 18.66 -12.43
C ASN B 128 -14.93 17.22 -12.89
N PHE B 129 -14.48 16.91 -14.10
CA PHE B 129 -14.57 15.56 -14.64
C PHE B 129 -13.74 14.64 -13.74
N LEU B 130 -12.52 15.07 -13.45
CA LEU B 130 -11.60 14.32 -12.60
C LEU B 130 -12.11 14.15 -11.17
N CYS B 131 -12.50 15.25 -10.53
CA CYS B 131 -13.01 15.17 -9.17
C CYS B 131 -14.32 14.41 -9.02
N ASP B 132 -14.98 14.16 -10.15
CA ASP B 132 -16.25 13.41 -10.17
C ASP B 132 -16.05 11.93 -10.52
N LEU B 133 -14.85 11.59 -10.94
CA LEU B 133 -14.54 10.21 -11.33
C LEU B 133 -14.87 9.21 -10.22
N LYS B 134 -15.47 8.09 -10.63
CA LYS B 134 -15.84 7.01 -9.74
C LYS B 134 -14.94 5.80 -10.01
N PRO B 135 -14.65 4.99 -8.98
CA PRO B 135 -13.80 3.81 -9.18
C PRO B 135 -14.37 2.96 -10.33
N GLY B 136 -13.49 2.55 -11.23
CA GLY B 136 -13.91 1.73 -12.35
C GLY B 136 -14.04 2.53 -13.62
N SER B 137 -14.37 3.82 -13.50
CA SER B 137 -14.51 4.67 -14.69
C SER B 137 -13.20 4.85 -15.45
N GLU B 138 -13.30 4.96 -16.78
CA GLU B 138 -12.13 5.12 -17.62
C GLU B 138 -11.69 6.57 -17.72
N VAL B 139 -10.41 6.74 -18.04
CA VAL B 139 -9.83 8.06 -18.18
C VAL B 139 -8.73 7.96 -19.23
N LYS B 140 -8.69 8.91 -20.15
CA LYS B 140 -7.71 8.95 -21.24
C LYS B 140 -6.48 9.77 -20.86
N ILE B 141 -5.34 9.08 -20.84
CA ILE B 141 -4.05 9.64 -20.42
C ILE B 141 -3.06 9.82 -21.56
N THR B 142 -2.36 10.95 -21.57
CA THR B 142 -1.35 11.23 -22.61
C THR B 142 -0.01 11.53 -21.90
N GLY B 143 1.08 11.51 -22.66
CA GLY B 143 2.38 11.79 -22.07
C GLY B 143 3.24 10.55 -21.85
N PRO B 144 4.09 10.52 -20.79
CA PRO B 144 4.26 11.60 -19.80
C PRO B 144 4.99 12.79 -20.42
N VAL B 145 4.91 13.94 -19.78
CA VAL B 145 5.55 15.12 -20.32
C VAL B 145 6.38 15.87 -19.30
N GLY B 146 7.43 16.52 -19.78
CA GLY B 146 8.29 17.31 -18.90
C GLY B 146 9.63 16.70 -18.53
N LYS B 147 10.65 17.56 -18.48
CA LYS B 147 12.01 17.16 -18.10
C LYS B 147 12.61 18.26 -17.20
N GLU B 148 11.85 19.33 -16.98
CA GLU B 148 12.28 20.47 -16.17
C GLU B 148 12.40 20.16 -14.70
N MET B 149 11.38 19.49 -14.18
CA MET B 149 11.30 19.17 -12.77
C MET B 149 11.79 17.78 -12.32
N LEU B 150 12.78 17.23 -13.03
CA LEU B 150 13.35 15.94 -12.66
C LEU B 150 14.28 16.12 -11.44
N MET B 151 14.35 15.11 -10.58
CA MET B 151 15.19 15.17 -9.37
C MET B 151 16.70 15.20 -9.65
N PRO B 152 17.49 15.77 -8.72
CA PRO B 152 18.94 15.82 -8.94
C PRO B 152 19.51 14.40 -8.78
N LYS B 153 20.54 14.05 -9.54
CA LYS B 153 21.15 12.71 -9.42
C LYS B 153 21.82 12.52 -8.07
N ASP B 154 22.55 13.53 -7.60
CA ASP B 154 23.27 13.51 -6.33
C ASP B 154 22.37 13.20 -5.14
N PRO B 155 22.59 12.06 -4.47
CA PRO B 155 21.76 11.69 -3.32
C PRO B 155 22.11 12.45 -2.03
N ASN B 156 23.02 13.42 -2.12
CA ASN B 156 23.41 14.22 -0.96
C ASN B 156 23.15 15.72 -1.20
N ALA B 157 22.55 16.03 -2.34
CA ALA B 157 22.22 17.38 -2.72
C ALA B 157 21.26 18.00 -1.72
N THR B 158 21.16 19.33 -1.77
CA THR B 158 20.21 20.06 -0.92
C THR B 158 19.06 20.39 -1.88
N VAL B 159 17.88 19.89 -1.58
CA VAL B 159 16.72 20.14 -2.42
C VAL B 159 15.66 20.98 -1.69
N ILE B 160 15.53 22.23 -2.10
CA ILE B 160 14.57 23.16 -1.54
C ILE B 160 13.39 23.14 -2.52
N MET B 161 12.22 22.85 -1.97
CA MET B 161 11.00 22.73 -2.74
C MET B 161 9.99 23.75 -2.28
N LEU B 162 9.58 24.59 -3.23
CA LEU B 162 8.65 25.66 -2.97
C LEU B 162 7.37 25.48 -3.81
N GLY B 163 6.26 25.21 -3.13
CA GLY B 163 5.01 25.01 -3.81
C GLY B 163 3.81 25.73 -3.22
N THR B 164 2.82 26.00 -4.07
CA THR B 164 1.58 26.64 -3.67
C THR B 164 0.41 25.75 -4.11
N GLY B 165 -0.47 25.41 -3.18
CA GLY B 165 -1.61 24.57 -3.47
C GLY B 165 -1.26 23.23 -4.11
N THR B 166 -1.91 22.89 -5.22
CA THR B 166 -1.67 21.63 -5.91
C THR B 166 -0.27 21.54 -6.52
N GLY B 167 0.50 22.62 -6.40
CA GLY B 167 1.87 22.63 -6.88
C GLY B 167 2.71 21.72 -6.00
N ILE B 168 2.11 21.26 -4.91
CA ILE B 168 2.76 20.31 -3.99
C ILE B 168 3.02 18.95 -4.68
N ALA B 169 2.18 18.64 -5.67
CA ALA B 169 2.20 17.36 -6.40
C ALA B 169 3.55 16.73 -6.72
N PRO B 170 4.44 17.42 -7.48
CA PRO B 170 5.73 16.79 -7.78
C PRO B 170 6.67 16.64 -6.58
N PHE B 171 6.44 17.45 -5.54
CA PHE B 171 7.27 17.36 -4.34
C PHE B 171 6.81 16.16 -3.51
N ARG B 172 5.53 15.78 -3.62
CA ARG B 172 5.07 14.59 -2.92
C ARG B 172 5.78 13.40 -3.61
N SER B 173 5.88 13.49 -4.94
CA SER B 173 6.54 12.48 -5.75
C SER B 173 7.99 12.35 -5.35
N PHE B 174 8.70 13.48 -5.31
CA PHE B 174 10.11 13.53 -4.92
C PHE B 174 10.36 12.87 -3.53
N LEU B 175 9.60 13.32 -2.54
CA LEU B 175 9.71 12.91 -1.14
C LEU B 175 9.44 11.44 -0.82
N TRP B 176 8.52 10.81 -1.56
CA TRP B 176 8.21 9.40 -1.38
C TRP B 176 9.46 8.61 -1.78
N LYS B 177 10.08 9.02 -2.89
CA LYS B 177 11.28 8.34 -3.34
C LYS B 177 12.46 8.57 -2.39
N MET B 178 12.56 9.80 -1.87
CA MET B 178 13.64 10.16 -0.98
C MET B 178 13.52 9.54 0.41
N PHE B 179 12.34 9.62 1.01
CA PHE B 179 12.17 9.12 2.39
C PHE B 179 11.38 7.85 2.64
N PHE B 180 10.46 7.50 1.74
CA PHE B 180 9.65 6.30 1.95
C PHE B 180 10.01 5.12 1.07
N GLU B 181 11.12 5.22 0.33
CA GLU B 181 11.55 4.15 -0.55
C GLU B 181 13.04 3.86 -0.51
N LYS B 182 13.37 2.59 -0.74
CA LYS B 182 14.76 2.13 -0.77
C LYS B 182 15.15 1.64 -2.16
N HIS B 183 16.05 2.36 -2.81
CA HIS B 183 16.51 2.01 -4.15
C HIS B 183 17.99 1.72 -4.04
N GLU B 184 18.48 0.72 -4.77
CA GLU B 184 19.89 0.37 -4.71
C GLU B 184 20.76 1.49 -5.27
N ASP B 185 20.37 1.96 -6.45
CA ASP B 185 21.04 3.01 -7.19
C ASP B 185 20.89 4.43 -6.60
N TYR B 186 20.14 4.57 -5.51
CA TYR B 186 19.92 5.89 -4.94
C TYR B 186 19.32 5.89 -3.55
N GLN B 187 20.05 6.46 -2.60
CA GLN B 187 19.57 6.60 -1.24
C GLN B 187 19.83 8.04 -0.82
N PHE B 188 18.76 8.76 -0.50
CA PHE B 188 18.89 10.16 -0.11
C PHE B 188 19.50 10.43 1.26
N ASN B 189 20.51 11.27 1.27
CA ASN B 189 21.18 11.64 2.49
C ASN B 189 21.45 13.14 2.61
N GLY B 190 20.96 13.91 1.65
CA GLY B 190 21.16 15.34 1.68
C GLY B 190 20.12 16.03 2.55
N LEU B 191 19.91 17.32 2.32
CA LEU B 191 18.91 18.07 3.07
C LEU B 191 17.72 18.34 2.15
N ALA B 192 16.53 18.01 2.62
CA ALA B 192 15.31 18.28 1.86
C ALA B 192 14.48 19.27 2.68
N TRP B 193 14.17 20.41 2.08
CA TRP B 193 13.41 21.46 2.75
C TRP B 193 12.18 21.86 1.90
N LEU B 194 11.00 21.55 2.42
CA LEU B 194 9.76 21.88 1.72
C LEU B 194 8.99 23.05 2.33
N PHE B 195 8.60 23.99 1.46
CA PHE B 195 7.79 25.15 1.82
C PHE B 195 6.48 25.02 1.03
N LEU B 196 5.35 24.89 1.74
CA LEU B 196 4.06 24.76 1.09
C LEU B 196 3.06 25.81 1.53
N GLY B 197 2.60 26.60 0.55
CA GLY B 197 1.62 27.64 0.82
C GLY B 197 0.20 27.19 0.48
N VAL B 198 -0.68 27.26 1.48
CA VAL B 198 -2.10 26.91 1.32
C VAL B 198 -2.91 28.05 1.97
N PRO B 199 -4.22 28.18 1.64
CA PRO B 199 -4.96 29.28 2.28
C PRO B 199 -5.46 29.06 3.71
N THR B 200 -5.86 27.84 4.04
CA THR B 200 -6.36 27.53 5.37
C THR B 200 -5.79 26.20 5.85
N SER B 201 -5.99 25.88 7.14
CA SER B 201 -5.53 24.64 7.73
C SER B 201 -6.26 23.42 7.15
N SER B 202 -7.54 23.59 6.81
CA SER B 202 -8.35 22.52 6.21
C SER B 202 -7.89 22.25 4.77
N SER B 203 -6.97 23.09 4.30
CA SER B 203 -6.40 23.01 2.96
C SER B 203 -4.95 22.52 2.96
N LEU B 204 -4.47 22.01 4.09
CA LEU B 204 -3.10 21.49 4.16
C LEU B 204 -3.12 20.17 3.37
N LEU B 205 -2.21 20.04 2.42
CA LEU B 205 -2.18 18.83 1.61
C LEU B 205 -1.09 17.84 2.03
N TYR B 206 -1.51 16.61 2.29
CA TYR B 206 -0.60 15.53 2.68
C TYR B 206 0.19 15.81 3.97
N LYS B 207 -0.41 16.57 4.88
CA LYS B 207 0.23 16.92 6.15
C LYS B 207 0.67 15.70 6.95
N GLU B 208 -0.21 14.71 7.07
CA GLU B 208 0.09 13.48 7.81
C GLU B 208 1.28 12.70 7.23
N GLU B 209 1.39 12.65 5.90
CA GLU B 209 2.50 11.96 5.25
C GLU B 209 3.81 12.72 5.52
N PHE B 210 3.76 14.05 5.39
CA PHE B 210 4.94 14.88 5.60
C PHE B 210 5.38 14.83 7.06
N GLU B 211 4.43 14.61 7.97
CA GLU B 211 4.77 14.52 9.37
C GLU B 211 5.49 13.20 9.68
N LYS B 212 5.12 12.14 8.94
CA LYS B 212 5.73 10.83 9.09
C LYS B 212 7.18 10.84 8.58
N MET B 213 7.42 11.57 7.50
CA MET B 213 8.76 11.70 6.92
C MET B 213 9.66 12.46 7.88
N LYS B 214 9.08 13.49 8.50
CA LYS B 214 9.79 14.33 9.47
C LYS B 214 10.21 13.47 10.65
N GLU B 215 9.26 12.68 11.12
CA GLU B 215 9.45 11.78 12.24
C GLU B 215 10.57 10.74 11.94
N LYS B 216 10.63 10.24 10.71
CA LYS B 216 11.67 9.25 10.35
C LYS B 216 13.01 9.85 9.89
N ALA B 217 12.99 11.13 9.51
CA ALA B 217 14.19 11.81 9.07
C ALA B 217 14.21 13.20 9.67
N PRO B 218 14.19 13.30 11.00
CA PRO B 218 14.19 14.57 11.73
C PRO B 218 15.38 15.49 11.44
N GLU B 219 16.49 14.92 11.00
CA GLU B 219 17.67 15.73 10.70
C GLU B 219 17.51 16.44 9.38
N ASN B 220 17.55 15.64 8.30
CA ASN B 220 17.50 16.15 6.94
C ASN B 220 16.18 16.38 6.18
N PHE B 221 15.06 16.49 6.89
CA PHE B 221 13.79 16.84 6.25
C PHE B 221 13.19 18.01 7.04
N ARG B 222 13.09 19.16 6.38
CA ARG B 222 12.52 20.34 6.99
C ARG B 222 11.23 20.69 6.29
N LEU B 223 10.21 20.99 7.09
CA LEU B 223 8.89 21.29 6.60
C LEU B 223 8.32 22.60 7.15
N ASP B 224 7.91 23.50 6.25
CA ASP B 224 7.33 24.76 6.64
C ASP B 224 6.03 25.05 5.88
N PHE B 225 4.97 25.31 6.64
CA PHE B 225 3.69 25.66 6.04
C PHE B 225 3.48 27.17 6.08
N ALA B 226 2.87 27.70 5.02
CA ALA B 226 2.57 29.12 4.92
C ALA B 226 1.07 29.22 4.68
N VAL B 227 0.31 29.28 5.77
CA VAL B 227 -1.15 29.37 5.70
C VAL B 227 -1.57 30.86 5.63
N SER B 228 -1.73 31.33 4.38
CA SER B 228 -2.04 32.73 4.05
C SER B 228 -3.27 33.39 4.70
N ARG B 229 -4.33 32.63 4.93
CA ARG B 229 -5.51 33.21 5.54
C ARG B 229 -5.61 32.99 7.03
N GLU B 230 -4.54 32.50 7.64
CA GLU B 230 -4.56 32.23 9.07
C GLU B 230 -3.32 32.65 9.81
N GLN B 231 -2.24 32.90 9.09
CA GLN B 231 -1.00 33.30 9.72
C GLN B 231 -0.55 34.66 9.23
N VAL B 232 0.23 35.32 10.09
CA VAL B 232 0.73 36.65 9.81
C VAL B 232 2.10 36.79 10.50
N ASN B 233 3.04 37.54 9.90
CA ASN B 233 4.32 37.74 10.59
C ASN B 233 4.11 38.87 11.63
N ASP B 234 5.17 39.32 12.29
CA ASP B 234 5.01 40.37 13.31
C ASP B 234 4.53 41.70 12.76
N LYS B 235 4.87 41.96 11.49
CA LYS B 235 4.48 43.18 10.81
C LYS B 235 3.03 43.11 10.35
N GLY B 236 2.38 41.98 10.59
CA GLY B 236 0.99 41.82 10.18
C GLY B 236 0.81 41.44 8.72
N GLU B 237 1.87 40.91 8.11
CA GLU B 237 1.79 40.52 6.71
C GLU B 237 1.34 39.09 6.58
N LYS B 238 0.39 38.87 5.68
CA LYS B 238 -0.18 37.56 5.40
C LYS B 238 0.94 36.55 5.14
N MET B 239 0.84 35.38 5.75
CA MET B 239 1.88 34.38 5.57
C MET B 239 1.84 33.64 4.23
N TYR B 240 2.35 34.28 3.19
CA TYR B 240 2.46 33.62 1.90
C TYR B 240 3.79 32.90 1.97
N ILE B 241 4.10 32.12 0.93
CA ILE B 241 5.34 31.36 0.90
C ILE B 241 6.62 32.22 1.09
N GLN B 242 6.74 33.33 0.37
CA GLN B 242 7.91 34.21 0.50
C GLN B 242 8.03 34.82 1.90
N THR B 243 6.89 35.00 2.56
CA THR B 243 6.84 35.55 3.89
C THR B 243 7.47 34.55 4.87
N ARG B 244 7.14 33.27 4.72
CA ARG B 244 7.69 32.22 5.56
C ARG B 244 9.19 32.05 5.25
N MET B 245 9.57 32.20 3.98
CA MET B 245 10.96 32.06 3.56
C MET B 245 11.84 33.16 4.14
N ALA B 246 11.26 34.35 4.30
CA ALA B 246 11.97 35.50 4.85
C ALA B 246 12.46 35.28 6.30
N GLN B 247 11.73 34.45 7.02
CA GLN B 247 12.08 34.13 8.41
C GLN B 247 13.32 33.26 8.47
N TYR B 248 13.74 32.75 7.32
CA TYR B 248 14.92 31.89 7.19
C TYR B 248 15.86 32.41 6.14
N ALA B 249 15.75 33.69 5.80
CA ALA B 249 16.59 34.29 4.75
C ALA B 249 18.10 34.09 4.85
N GLU B 250 18.64 34.05 6.08
CA GLU B 250 20.10 33.87 6.28
C GLU B 250 20.51 32.48 5.84
N GLU B 251 19.86 31.49 6.48
CA GLU B 251 20.08 30.09 6.22
C GLU B 251 19.91 29.81 4.74
N LEU B 252 18.81 30.29 4.16
CA LEU B 252 18.56 30.06 2.75
C LEU B 252 19.64 30.63 1.87
N TRP B 253 20.13 31.83 2.20
CA TRP B 253 21.18 32.46 1.40
C TRP B 253 22.47 31.64 1.51
N GLU B 254 22.75 31.13 2.71
CA GLU B 254 23.93 30.29 2.94
C GLU B 254 23.85 29.06 2.02
N LEU B 255 22.69 28.40 2.04
CA LEU B 255 22.45 27.21 1.23
C LEU B 255 22.62 27.51 -0.24
N LEU B 256 22.03 28.62 -0.69
CA LEU B 256 22.10 29.03 -2.09
C LEU B 256 23.51 29.25 -2.60
N LYS B 257 24.43 29.50 -1.67
CA LYS B 257 25.83 29.73 -2.02
C LYS B 257 26.59 28.43 -2.30
N LYS B 258 26.14 27.32 -1.70
CA LYS B 258 26.79 26.02 -1.89
C LYS B 258 26.64 25.53 -3.34
N ASP B 259 27.38 24.50 -3.72
CA ASP B 259 27.32 24.02 -5.12
C ASP B 259 26.37 22.86 -5.37
N ASN B 260 25.91 22.23 -4.30
CA ASN B 260 24.99 21.08 -4.40
C ASN B 260 23.55 21.42 -4.00
N THR B 261 23.20 22.70 -4.03
CA THR B 261 21.85 23.14 -3.68
C THR B 261 20.96 23.34 -4.90
N PHE B 262 19.83 22.62 -4.94
CA PHE B 262 18.88 22.73 -6.04
C PHE B 262 17.55 23.27 -5.54
N VAL B 263 17.02 24.27 -6.24
CA VAL B 263 15.75 24.89 -5.90
C VAL B 263 14.69 24.53 -6.93
N TYR B 264 13.52 24.11 -6.44
CA TYR B 264 12.42 23.79 -7.33
C TYR B 264 11.22 24.59 -6.88
N MET B 265 10.48 25.11 -7.85
CA MET B 265 9.31 25.91 -7.59
C MET B 265 8.13 25.43 -8.44
N CYS B 266 6.98 25.20 -7.82
CA CYS B 266 5.83 24.74 -8.58
C CYS B 266 4.49 25.26 -8.04
N GLY B 267 3.62 25.67 -8.97
CA GLY B 267 2.30 26.15 -8.62
C GLY B 267 1.88 27.40 -9.36
N LEU B 268 1.36 28.37 -8.61
CA LEU B 268 0.87 29.66 -9.13
C LEU B 268 1.95 30.55 -9.72
N LYS B 269 1.68 31.11 -10.90
CA LYS B 269 2.59 32.01 -11.59
C LYS B 269 3.12 33.13 -10.69
N GLY B 270 2.27 33.62 -9.80
CA GLY B 270 2.64 34.72 -8.93
C GLY B 270 3.71 34.50 -7.87
N MET B 271 3.91 33.26 -7.42
CA MET B 271 4.90 32.98 -6.38
C MET B 271 6.37 33.39 -6.61
N GLU B 272 6.73 33.72 -7.85
CA GLU B 272 8.11 34.09 -8.21
C GLU B 272 8.76 35.42 -7.81
N LYS B 273 7.98 36.45 -7.48
CA LYS B 273 8.57 37.76 -7.15
C LYS B 273 9.19 38.06 -5.78
N GLY B 274 8.46 37.76 -4.70
CA GLY B 274 8.97 38.04 -3.36
C GLY B 274 10.38 37.57 -3.07
N ILE B 275 10.78 36.52 -3.79
CA ILE B 275 12.08 35.87 -3.66
C ILE B 275 13.29 36.75 -3.97
N ASP B 276 13.16 37.53 -5.03
CA ASP B 276 14.24 38.41 -5.45
C ASP B 276 14.52 39.57 -4.49
N ASP B 277 13.44 40.07 -3.87
CA ASP B 277 13.54 41.16 -2.90
C ASP B 277 14.21 40.73 -1.60
N ILE B 278 13.98 39.46 -1.24
CA ILE B 278 14.57 38.87 -0.04
C ILE B 278 16.09 38.71 -0.22
N MET B 279 16.43 37.98 -1.27
CA MET B 279 17.81 37.65 -1.60
C MET B 279 18.80 38.78 -1.91
N VAL B 280 18.42 39.63 -2.85
CA VAL B 280 19.25 40.75 -3.33
C VAL B 280 20.32 41.45 -2.41
N SER B 281 19.96 41.99 -1.24
CA SER B 281 20.99 42.66 -0.39
C SER B 281 21.97 41.70 0.29
N LEU B 282 21.49 40.50 0.61
CA LEU B 282 22.32 39.47 1.26
C LEU B 282 23.48 39.11 0.32
N ALA B 283 23.15 38.99 -0.96
CA ALA B 283 24.12 38.67 -1.99
C ALA B 283 25.07 39.85 -2.15
N ALA B 284 24.51 41.05 -2.21
CA ALA B 284 25.30 42.28 -2.33
C ALA B 284 26.20 42.40 -1.13
N LYS B 285 25.69 42.03 0.05
CA LYS B 285 26.50 42.07 1.27
C LYS B 285 27.76 41.25 1.04
N ASP B 286 27.63 40.23 0.19
CA ASP B 286 28.74 39.35 -0.18
C ASP B 286 29.36 39.72 -1.53
N GLY B 287 29.03 40.90 -2.03
CA GLY B 287 29.56 41.35 -3.31
C GLY B 287 29.05 40.51 -4.46
N ILE B 288 27.77 40.12 -4.35
CA ILE B 288 27.10 39.26 -5.33
C ILE B 288 25.76 39.89 -5.77
N ASP B 289 25.52 39.95 -7.09
CA ASP B 289 24.23 40.45 -7.60
C ASP B 289 23.26 39.28 -7.71
N TRP B 290 22.21 39.31 -6.91
CA TRP B 290 21.23 38.24 -6.91
C TRP B 290 20.68 37.86 -8.30
N ILE B 291 20.32 38.85 -9.11
CA ILE B 291 19.76 38.55 -10.43
C ILE B 291 20.70 37.82 -11.41
N GLU B 292 21.98 38.16 -11.37
CA GLU B 292 22.97 37.51 -12.22
C GLU B 292 23.27 36.13 -11.62
N TYR B 293 23.18 36.04 -10.30
CA TYR B 293 23.41 34.78 -9.60
C TYR B 293 22.29 33.81 -9.99
N LYS B 294 21.04 34.27 -9.87
CA LYS B 294 19.88 33.45 -10.21
C LYS B 294 19.94 32.93 -11.65
N ARG B 295 20.36 33.81 -12.57
CA ARG B 295 20.49 33.47 -13.99
C ARG B 295 21.51 32.34 -14.20
N THR B 296 22.59 32.36 -13.43
CA THR B 296 23.60 31.31 -13.54
C THR B 296 23.12 30.02 -12.92
N LEU B 297 22.28 30.13 -11.89
CA LEU B 297 21.73 28.96 -11.20
C LEU B 297 20.78 28.27 -12.16
N LYS B 298 19.92 29.05 -12.82
CA LYS B 298 18.98 28.52 -13.81
C LYS B 298 19.79 27.79 -14.87
N LYS B 299 20.86 28.42 -15.32
CA LYS B 299 21.74 27.83 -16.33
C LYS B 299 22.48 26.59 -15.81
N ALA B 300 22.78 26.56 -14.50
CA ALA B 300 23.45 25.42 -13.89
C ALA B 300 22.48 24.31 -13.51
N GLU B 301 21.21 24.43 -13.92
CA GLU B 301 20.16 23.44 -13.60
C GLU B 301 19.83 23.41 -12.11
N GLN B 302 20.05 24.54 -11.42
CA GLN B 302 19.81 24.59 -9.98
C GLN B 302 18.72 25.53 -9.48
N TRP B 303 17.88 25.97 -10.41
CA TRP B 303 16.75 26.84 -10.09
C TRP B 303 15.71 26.39 -11.12
N ASN B 304 14.81 25.52 -10.67
CA ASN B 304 13.79 24.92 -11.54
C ASN B 304 12.35 25.33 -11.28
N VAL B 305 11.72 25.88 -12.31
CA VAL B 305 10.36 26.40 -12.20
C VAL B 305 9.32 25.86 -13.18
N GLU B 306 8.12 25.62 -12.64
CA GLU B 306 6.97 25.17 -13.40
C GLU B 306 5.78 25.77 -12.68
N VAL B 307 5.41 26.98 -13.10
CA VAL B 307 4.28 27.70 -12.53
C VAL B 307 3.29 28.03 -13.63
N SER B 308 2.02 28.21 -13.28
CA SER B 308 1.01 28.56 -14.28
C SER B 308 -0.29 29.13 -13.68
#